data_6CA7
#
_entry.id   6CA7
#
_cell.length_a   43.091
_cell.length_b   68.848
_cell.length_c   78.502
_cell.angle_alpha   90.00
_cell.angle_beta   94.27
_cell.angle_gamma   90.00
#
_symmetry.space_group_name_H-M   'P 1 21 1'
#
loop_
_entity.id
_entity.type
_entity.pdbx_description
1 polymer 'PCT64_13C light chain'
2 polymer 'PCT64_13C heavy chain'
3 water water
#
loop_
_entity_poly.entity_id
_entity_poly.type
_entity_poly.pdbx_seq_one_letter_code
_entity_poly.pdbx_strand_id
1 'polypeptide(L)'
;EIVLTQSPGTLSLSPGERATLSCRASQSVSNNYLAWYQQKPGQAPRLLIYGASSRATGIPDRFSGSGSGTDFTLTISRLE
PEDFAVYYCQQSARSFTFGPGTKVDIKRTVAAPSVFIFPPSDEQLKSGTASVVCLLNNFYPREAKVQWKVDNALQSGNSQ
ESVTEQDSKDSTYSLSSTLTLSKADYEKHKVYACEVTHQGLSSPVTKSFNRGEC
;
L
2 'polypeptide(L)'
;EVQLVESGGGLVKPGGSLRLSCAASGFTFTNAWLDWVRQAPGKGLEWVGRIKSKTDGGTTDHAAPVKGRFTISRDDSKNT
VYLQMNSLKIEDTAVYYCTTGVETYDFWSGYDDH(TYS)YDYYFKDVWGKGTTVTVSSASTKGPSVFPLAPSSKSTSGGT
AALGCLVKDYFPEPVTVSWNSGALTSGVHTFPAVLQSSGLYSLSSVVTVPSSSLGTQTYICNVNHKPSNTKVDKRVEPKS
CD
;
H
#
# COMPACT_ATOMS: atom_id res chain seq x y z
N GLU A 1 -14.54 -18.50 12.93
CA GLU A 1 -13.68 -18.45 11.75
C GLU A 1 -12.21 -18.19 12.17
N ILE A 2 -11.29 -18.71 11.37
CA ILE A 2 -9.90 -18.81 11.78
C ILE A 2 -9.17 -17.51 11.50
N VAL A 3 -8.40 -17.05 12.50
CA VAL A 3 -7.57 -15.86 12.40
C VAL A 3 -6.12 -16.28 12.26
N LEU A 4 -5.43 -15.74 11.26
CA LEU A 4 -4.01 -15.97 11.08
C LEU A 4 -3.27 -14.75 11.58
N THR A 5 -2.26 -14.99 12.41
CA THR A 5 -1.41 -13.90 12.89
C THR A 5 0.01 -14.16 12.42
N GLN A 6 0.76 -13.08 12.19
CA GLN A 6 2.12 -13.19 11.67
C GLN A 6 3.05 -12.33 12.50
N SER A 7 4.23 -12.86 12.77
N SER A 7 4.24 -12.85 12.74
CA SER A 7 5.27 -12.13 13.48
CA SER A 7 5.26 -12.12 13.47
C SER A 7 6.61 -12.37 12.81
C SER A 7 6.61 -12.37 12.81
N PRO A 8 7.50 -11.37 12.81
CA PRO A 8 7.19 -10.02 13.26
C PRO A 8 6.44 -9.26 12.17
N GLY A 9 6.07 -8.00 12.43
CA GLY A 9 5.50 -7.19 11.37
C GLY A 9 6.50 -6.90 10.27
N THR A 10 7.73 -6.56 10.65
CA THR A 10 8.82 -6.29 9.71
C THR A 10 10.05 -7.06 10.14
N LEU A 11 10.63 -7.80 9.22
CA LEU A 11 11.87 -8.53 9.44
C LEU A 11 12.95 -7.83 8.63
N SER A 12 14.04 -7.42 9.30
CA SER A 12 15.08 -6.61 8.68
C SER A 12 16.34 -7.47 8.52
N LEU A 13 16.72 -7.74 7.27
CA LEU A 13 17.81 -8.66 7.00
C LEU A 13 18.64 -8.15 5.82
N SER A 14 19.80 -8.73 5.68
N SER A 14 19.87 -8.72 5.70
CA SER A 14 20.64 -8.36 4.56
CA SER A 14 20.76 -8.41 4.58
C SER A 14 20.62 -9.45 3.50
C SER A 14 20.61 -9.46 3.49
N PRO A 15 20.85 -9.08 2.23
CA PRO A 15 20.96 -10.10 1.18
C PRO A 15 21.96 -11.19 1.59
N GLY A 16 21.57 -12.43 1.37
CA GLY A 16 22.40 -13.56 1.71
C GLY A 16 22.07 -14.19 3.04
N GLU A 17 21.26 -13.54 3.86
CA GLU A 17 20.89 -14.08 5.16
C GLU A 17 19.68 -14.99 5.04
N ARG A 18 19.55 -15.90 5.99
N ARG A 18 19.60 -15.95 5.94
CA ARG A 18 18.40 -16.78 6.07
CA ARG A 18 18.39 -16.75 6.10
C ARG A 18 17.24 -16.05 6.74
C ARG A 18 17.26 -15.83 6.58
N ALA A 19 16.05 -16.12 6.12
CA ALA A 19 14.84 -15.49 6.65
C ALA A 19 13.89 -16.57 7.14
N THR A 20 13.27 -16.33 8.29
N THR A 20 13.39 -16.44 8.35
CA THR A 20 12.35 -17.25 8.95
CA THR A 20 12.30 -17.28 8.82
C THR A 20 11.10 -16.48 9.37
C THR A 20 11.15 -16.38 9.20
N LEU A 21 9.97 -16.76 8.71
CA LEU A 21 8.73 -16.01 8.92
C LEU A 21 7.72 -16.93 9.58
N SER A 22 6.98 -16.40 10.55
N SER A 22 7.01 -16.41 10.58
CA SER A 22 6.10 -17.20 11.40
CA SER A 22 6.08 -17.22 11.35
C SER A 22 4.63 -16.87 11.16
C SER A 22 4.64 -16.89 10.99
N CYS A 23 3.79 -17.92 11.09
CA CYS A 23 2.35 -17.78 10.94
C CYS A 23 1.71 -18.62 12.02
N ARG A 24 0.77 -18.05 12.78
CA ARG A 24 0.04 -18.82 13.77
C ARG A 24 -1.44 -18.82 13.40
N ALA A 25 -2.09 -19.96 13.60
CA ALA A 25 -3.53 -20.10 13.31
C ALA A 25 -4.32 -20.20 14.60
N SER A 26 -5.46 -19.50 14.67
CA SER A 26 -6.26 -19.43 15.90
C SER A 26 -6.95 -20.75 16.22
N GLN A 27 -7.06 -21.64 15.25
CA GLN A 27 -7.50 -23.01 15.43
C GLN A 27 -6.53 -23.88 14.64
N SER A 28 -6.35 -25.11 15.11
N SER A 28 -6.32 -25.10 15.12
CA SER A 28 -5.47 -26.03 14.42
CA SER A 28 -5.39 -25.98 14.42
C SER A 28 -6.02 -26.31 13.03
C SER A 28 -5.98 -26.39 13.08
N VAL A 29 -5.11 -26.42 12.06
CA VAL A 29 -5.53 -26.74 10.70
C VAL A 29 -4.64 -27.85 10.17
N SER A 30 -5.24 -28.71 9.35
N SER A 30 -5.25 -28.71 9.35
CA SER A 30 -4.44 -29.72 8.67
CA SER A 30 -4.49 -29.71 8.64
C SER A 30 -3.62 -29.09 7.57
C SER A 30 -3.58 -29.02 7.61
N ASN A 31 -2.45 -29.68 7.31
CA ASN A 31 -1.42 -29.02 6.50
C ASN A 31 -1.91 -28.70 5.10
N ASN A 32 -2.86 -29.46 4.56
CA ASN A 32 -3.30 -29.22 3.19
C ASN A 32 -3.94 -27.85 3.03
N TYR A 33 -4.32 -27.20 4.12
CA TYR A 33 -5.06 -25.95 4.02
C TYR A 33 -4.21 -24.69 4.16
N LEU A 34 -2.90 -24.80 4.36
CA LEU A 34 -2.05 -23.65 4.67
C LEU A 34 -1.19 -23.26 3.46
N ALA A 35 -1.22 -21.98 3.09
CA ALA A 35 -0.40 -21.51 1.98
C ALA A 35 0.33 -20.22 2.36
N TRP A 36 1.36 -19.90 1.56
CA TRP A 36 2.14 -18.68 1.67
C TRP A 36 2.16 -17.95 0.33
N TYR A 37 1.97 -16.63 0.39
CA TYR A 37 2.00 -15.74 -0.77
C TYR A 37 3.07 -14.66 -0.59
N GLN A 38 3.62 -14.20 -1.72
CA GLN A 38 4.52 -13.06 -1.77
C GLN A 38 3.84 -11.92 -2.52
N GLN A 39 4.11 -10.69 -2.11
CA GLN A 39 3.57 -9.56 -2.85
C GLN A 39 4.56 -8.41 -2.86
N LYS A 40 4.81 -7.88 -4.05
CA LYS A 40 5.66 -6.72 -4.27
C LYS A 40 4.79 -5.53 -4.65
N PRO A 41 5.25 -4.29 -4.41
CA PRO A 41 4.41 -3.12 -4.70
C PRO A 41 3.96 -3.07 -6.16
N GLY A 42 2.69 -2.74 -6.36
CA GLY A 42 2.15 -2.62 -7.69
C GLY A 42 1.85 -3.92 -8.40
N GLN A 43 1.94 -5.06 -7.72
CA GLN A 43 1.71 -6.36 -8.33
C GLN A 43 0.69 -7.15 -7.54
N ALA A 44 0.01 -8.07 -8.23
CA ALA A 44 -0.81 -9.06 -7.55
C ALA A 44 0.09 -9.97 -6.70
N PRO A 45 -0.48 -10.59 -5.65
CA PRO A 45 0.27 -11.61 -4.90
C PRO A 45 0.60 -12.81 -5.78
N ARG A 46 1.61 -13.56 -5.32
CA ARG A 46 2.11 -14.74 -6.01
C ARG A 46 2.21 -15.88 -5.00
N LEU A 47 1.59 -17.01 -5.31
CA LEU A 47 1.67 -18.19 -4.45
C LEU A 47 3.08 -18.76 -4.43
N LEU A 48 3.62 -18.97 -3.22
CA LEU A 48 4.92 -19.60 -3.06
C LEU A 48 4.81 -21.06 -2.66
N ILE A 49 3.99 -21.32 -1.65
CA ILE A 49 3.92 -22.61 -0.97
C ILE A 49 2.46 -22.93 -0.77
N TYR A 50 2.04 -24.15 -1.13
CA TYR A 50 0.71 -24.63 -0.80
C TYR A 50 0.82 -25.93 -0.02
N GLY A 51 -0.26 -26.27 0.69
CA GLY A 51 -0.23 -27.49 1.49
C GLY A 51 0.87 -27.50 2.51
N ALA A 52 1.16 -26.33 3.11
CA ALA A 52 2.18 -26.07 4.13
C ALA A 52 3.62 -26.20 3.62
N SER A 53 3.90 -27.11 2.71
CA SER A 53 5.30 -27.35 2.39
C SER A 53 5.60 -27.64 0.91
N SER A 54 4.63 -27.51 0.01
CA SER A 54 4.84 -27.84 -1.38
C SER A 54 5.09 -26.54 -2.15
N ARG A 55 6.13 -26.52 -2.97
CA ARG A 55 6.40 -25.33 -3.78
C ARG A 55 5.49 -25.30 -5.01
N ALA A 56 4.91 -24.13 -5.27
CA ALA A 56 4.19 -23.93 -6.52
C ALA A 56 5.17 -23.97 -7.68
N THR A 57 4.62 -24.26 -8.87
CA THR A 57 5.45 -24.37 -10.07
C THR A 57 6.28 -23.11 -10.29
N GLY A 58 7.56 -23.28 -10.60
CA GLY A 58 8.40 -22.13 -10.89
C GLY A 58 8.92 -21.34 -9.71
N ILE A 59 8.61 -21.76 -8.49
CA ILE A 59 9.10 -21.05 -7.30
C ILE A 59 10.50 -21.57 -6.98
N PRO A 60 11.47 -20.70 -6.72
CA PRO A 60 12.85 -21.16 -6.48
C PRO A 60 13.01 -22.03 -5.24
N ASP A 61 14.04 -22.87 -5.28
CA ASP A 61 14.31 -23.84 -4.21
C ASP A 61 14.56 -23.17 -2.86
N ARG A 62 15.01 -21.92 -2.85
CA ARG A 62 15.32 -21.29 -1.58
C ARG A 62 14.10 -21.03 -0.71
N PHE A 63 12.87 -21.10 -1.27
CA PHE A 63 11.63 -20.98 -0.49
C PHE A 63 11.17 -22.34 -0.02
N SER A 64 10.90 -22.47 1.28
CA SER A 64 10.37 -23.72 1.80
C SER A 64 9.39 -23.40 2.92
N GLY A 65 8.50 -24.34 3.19
CA GLY A 65 7.51 -24.17 4.23
C GLY A 65 7.51 -25.37 5.14
N SER A 66 7.21 -25.12 6.41
CA SER A 66 7.19 -26.19 7.39
C SER A 66 6.15 -25.84 8.44
N GLY A 67 6.00 -26.74 9.41
CA GLY A 67 5.10 -26.51 10.52
C GLY A 67 3.88 -27.41 10.43
N SER A 68 3.00 -27.25 11.42
CA SER A 68 1.79 -28.05 11.53
C SER A 68 0.97 -27.50 12.68
N GLY A 69 -0.29 -27.93 12.76
CA GLY A 69 -1.16 -27.58 13.87
C GLY A 69 -1.54 -26.11 13.81
N THR A 70 -0.96 -25.30 14.71
CA THR A 70 -1.23 -23.87 14.75
C THR A 70 0.01 -23.05 14.45
N ASP A 71 1.11 -23.67 14.02
CA ASP A 71 2.39 -22.98 13.93
C ASP A 71 3.07 -23.35 12.62
N PHE A 72 3.21 -22.36 11.72
CA PHE A 72 3.78 -22.59 10.40
C PHE A 72 4.90 -21.58 10.13
N THR A 73 5.84 -21.99 9.29
CA THR A 73 7.06 -21.23 9.04
C THR A 73 7.35 -21.21 7.56
N LEU A 74 7.60 -20.03 7.02
CA LEU A 74 8.19 -19.87 5.70
C LEU A 74 9.68 -19.56 5.87
N THR A 75 10.53 -20.33 5.20
CA THR A 75 11.96 -20.11 5.27
C THR A 75 12.47 -19.72 3.90
N ILE A 76 13.29 -18.67 3.85
CA ILE A 76 14.05 -18.32 2.65
C ILE A 76 15.50 -18.60 3.01
N SER A 77 16.10 -19.63 2.38
CA SER A 77 17.39 -20.12 2.86
C SER A 77 18.48 -19.05 2.74
N ARG A 78 18.44 -18.26 1.68
CA ARG A 78 19.41 -17.20 1.46
C ARG A 78 18.70 -16.11 0.69
N LEU A 79 18.51 -14.94 1.31
CA LEU A 79 17.75 -13.88 0.66
C LEU A 79 18.46 -13.35 -0.58
N GLU A 80 17.72 -13.24 -1.67
CA GLU A 80 18.16 -12.52 -2.86
C GLU A 80 17.55 -11.13 -2.87
N PRO A 81 18.16 -10.17 -3.59
CA PRO A 81 17.57 -8.82 -3.60
C PRO A 81 16.12 -8.76 -4.02
N GLU A 82 15.67 -9.67 -4.89
CA GLU A 82 14.26 -9.65 -5.29
C GLU A 82 13.32 -10.16 -4.20
N ASP A 83 13.82 -10.68 -3.07
CA ASP A 83 12.98 -11.28 -2.05
C ASP A 83 12.49 -10.30 -1.01
N PHE A 84 12.96 -9.06 -1.02
CA PHE A 84 12.48 -8.06 -0.08
C PHE A 84 11.10 -7.61 -0.56
N ALA A 85 10.10 -8.02 0.19
CA ALA A 85 8.70 -8.01 -0.24
C ALA A 85 7.85 -8.25 1.00
N VAL A 86 6.52 -8.34 0.80
CA VAL A 86 5.61 -8.71 1.87
C VAL A 86 5.18 -10.15 1.68
N TYR A 87 5.09 -10.89 2.79
CA TYR A 87 4.71 -12.30 2.76
C TYR A 87 3.46 -12.51 3.59
N TYR A 88 2.48 -13.21 3.02
CA TYR A 88 1.21 -13.48 3.68
C TYR A 88 1.01 -14.97 3.80
N CYS A 89 0.62 -15.43 4.98
CA CYS A 89 0.07 -16.78 5.03
C CYS A 89 -1.43 -16.73 4.77
N GLN A 90 -1.99 -17.92 4.50
CA GLN A 90 -3.36 -18.02 4.02
C GLN A 90 -3.89 -19.40 4.36
N GLN A 91 -5.15 -19.48 4.76
CA GLN A 91 -5.74 -20.77 5.09
C GLN A 91 -7.11 -20.91 4.47
N SER A 92 -7.45 -22.13 4.04
N SER A 92 -7.45 -22.14 4.06
CA SER A 92 -8.77 -22.44 3.50
CA SER A 92 -8.74 -22.48 3.47
C SER A 92 -9.44 -23.57 4.28
C SER A 92 -9.46 -23.55 4.29
N ALA A 93 -9.07 -23.75 5.54
CA ALA A 93 -9.68 -24.80 6.36
C ALA A 93 -11.07 -24.41 6.83
N ARG A 94 -11.25 -23.17 7.27
CA ARG A 94 -12.55 -22.64 7.65
C ARG A 94 -12.68 -21.30 6.95
N SER A 95 -13.56 -21.23 5.95
CA SER A 95 -13.58 -20.08 5.05
C SER A 95 -12.18 -19.92 4.45
N PHE A 96 -11.82 -18.70 4.11
CA PHE A 96 -10.58 -18.38 3.39
C PHE A 96 -10.09 -17.07 4.00
N THR A 97 -8.96 -17.08 4.70
CA THR A 97 -8.44 -15.87 5.30
C THR A 97 -6.94 -15.78 5.08
N PHE A 98 -6.44 -14.55 5.15
CA PHE A 98 -5.03 -14.22 5.06
C PHE A 98 -4.52 -13.75 6.40
N GLY A 99 -3.22 -13.93 6.62
CA GLY A 99 -2.55 -13.28 7.71
C GLY A 99 -2.33 -11.81 7.37
N PRO A 100 -1.87 -11.03 8.34
CA PRO A 100 -1.72 -9.57 8.12
C PRO A 100 -0.49 -9.19 7.32
N GLY A 101 0.41 -10.13 7.05
CA GLY A 101 1.61 -9.86 6.29
C GLY A 101 2.81 -9.55 7.15
N THR A 102 3.96 -10.06 6.73
CA THR A 102 5.26 -9.67 7.28
C THR A 102 6.06 -9.06 6.16
N LYS A 103 6.56 -7.84 6.38
CA LYS A 103 7.43 -7.21 5.40
C LYS A 103 8.87 -7.58 5.72
N VAL A 104 9.62 -7.94 4.69
CA VAL A 104 11.06 -8.17 4.83
C VAL A 104 11.74 -6.97 4.18
N ASP A 105 12.44 -6.16 4.98
CA ASP A 105 13.12 -5.00 4.40
C ASP A 105 14.63 -5.17 4.57
N ILE A 106 15.37 -4.27 3.93
CA ILE A 106 16.82 -4.38 3.86
C ILE A 106 17.44 -3.75 5.11
N LYS A 107 18.24 -4.53 5.83
CA LYS A 107 18.88 -4.01 7.02
C LYS A 107 20.05 -3.12 6.63
N ARG A 108 20.16 -1.99 7.32
CA ARG A 108 21.30 -1.11 7.21
C ARG A 108 21.56 -0.53 8.59
N THR A 109 22.62 0.27 8.70
CA THR A 109 22.89 0.89 9.99
C THR A 109 21.80 1.89 10.35
N VAL A 110 21.62 2.11 11.65
CA VAL A 110 20.63 3.07 12.12
C VAL A 110 20.99 4.45 11.58
N ALA A 111 19.98 5.15 11.05
CA ALA A 111 20.16 6.53 10.58
C ALA A 111 19.05 7.37 11.18
N ALA A 112 19.42 8.44 11.89
CA ALA A 112 18.42 9.32 12.47
C ALA A 112 17.77 10.18 11.39
N PRO A 113 16.50 10.53 11.57
CA PRO A 113 15.86 11.43 10.61
C PRO A 113 16.43 12.84 10.71
N SER A 114 16.52 13.50 9.56
CA SER A 114 16.69 14.95 9.51
C SER A 114 15.30 15.58 9.45
N VAL A 115 15.05 16.59 10.27
CA VAL A 115 13.68 17.09 10.46
C VAL A 115 13.58 18.52 9.96
N PHE A 116 12.49 18.83 9.26
CA PHE A 116 12.21 20.16 8.70
C PHE A 116 10.76 20.50 8.91
N ILE A 117 10.48 21.73 9.37
CA ILE A 117 9.12 22.19 9.55
C ILE A 117 8.82 23.31 8.54
N PHE A 118 7.61 23.29 8.00
CA PHE A 118 7.18 24.29 7.00
C PHE A 118 5.90 24.97 7.48
N PRO A 119 5.89 26.28 7.68
CA PRO A 119 4.64 27.00 7.98
C PRO A 119 3.70 26.97 6.80
N PRO A 120 2.43 27.30 7.02
CA PRO A 120 1.52 27.50 5.88
C PRO A 120 2.06 28.59 4.99
N SER A 121 1.92 28.37 3.68
CA SER A 121 2.34 29.37 2.71
C SER A 121 1.39 30.56 2.73
N ASP A 122 1.90 31.72 2.33
CA ASP A 122 1.04 32.88 2.18
C ASP A 122 -0.06 32.62 1.16
N GLU A 123 0.21 31.80 0.14
N GLU A 123 0.22 31.82 0.13
CA GLU A 123 -0.82 31.51 -0.85
CA GLU A 123 -0.80 31.48 -0.87
C GLU A 123 -1.95 30.66 -0.27
C GLU A 123 -1.94 30.68 -0.25
N GLN A 124 -1.60 29.68 0.57
CA GLN A 124 -2.65 28.91 1.23
C GLN A 124 -3.46 29.78 2.18
N LEU A 125 -2.80 30.63 2.97
CA LEU A 125 -3.53 31.49 3.88
C LEU A 125 -4.50 32.39 3.13
N LYS A 126 -4.09 32.92 1.97
CA LYS A 126 -5.01 33.69 1.16
C LYS A 126 -6.19 32.84 0.71
N SER A 127 -5.94 31.57 0.41
CA SER A 127 -7.00 30.70 -0.10
C SER A 127 -7.97 30.28 0.99
N GLY A 128 -7.64 30.50 2.25
CA GLY A 128 -8.60 30.36 3.33
C GLY A 128 -8.37 29.22 4.30
N THR A 129 -7.26 28.47 4.19
CA THR A 129 -6.96 27.35 5.08
C THR A 129 -5.50 27.41 5.54
N ALA A 130 -5.10 26.45 6.37
CA ALA A 130 -3.75 26.45 6.93
C ALA A 130 -3.26 25.03 7.18
N SER A 131 -2.10 24.70 6.64
N SER A 131 -2.12 24.68 6.60
CA SER A 131 -1.51 23.38 6.79
CA SER A 131 -1.50 23.38 6.78
C SER A 131 -0.05 23.53 7.15
C SER A 131 -0.06 23.60 7.20
N VAL A 132 0.37 22.89 8.25
CA VAL A 132 1.75 22.91 8.70
C VAL A 132 2.33 21.54 8.38
N VAL A 133 3.55 21.51 7.81
CA VAL A 133 4.12 20.26 7.35
C VAL A 133 5.45 20.00 8.07
N CYS A 134 5.65 18.74 8.50
CA CYS A 134 6.89 18.31 9.12
C CYS A 134 7.45 17.17 8.30
N LEU A 135 8.70 17.30 7.87
CA LEU A 135 9.39 16.28 7.08
C LEU A 135 10.43 15.59 7.94
N LEU A 136 10.39 14.25 7.96
CA LEU A 136 11.35 13.39 8.65
C LEU A 136 12.09 12.62 7.56
N ASN A 137 13.35 13.00 7.29
CA ASN A 137 14.00 12.55 6.07
C ASN A 137 15.11 11.55 6.33
N ASN A 138 15.10 10.48 5.52
CA ASN A 138 16.20 9.55 5.33
C ASN A 138 16.63 8.87 6.64
N PHE A 139 15.68 8.16 7.25
CA PHE A 139 15.93 7.47 8.50
C PHE A 139 15.81 5.96 8.32
N TYR A 140 16.37 5.22 9.29
CA TYR A 140 16.28 3.76 9.32
C TYR A 140 16.53 3.33 10.76
N PRO A 141 15.78 2.36 11.31
CA PRO A 141 14.66 1.66 10.68
C PRO A 141 13.40 2.52 10.62
N ARG A 142 12.31 1.89 10.21
CA ARG A 142 11.09 2.60 9.83
C ARG A 142 10.44 3.35 10.98
N GLU A 143 10.78 3.05 12.23
CA GLU A 143 9.96 3.47 13.38
C GLU A 143 10.32 4.88 13.87
N ALA A 144 10.10 5.87 13.01
CA ALA A 144 10.09 7.28 13.42
C ALA A 144 8.65 7.70 13.69
N LYS A 145 8.45 8.51 14.73
CA LYS A 145 7.13 9.03 15.03
C LYS A 145 7.19 10.55 15.17
N VAL A 146 6.05 11.19 14.99
CA VAL A 146 5.99 12.64 15.14
C VAL A 146 4.70 13.03 15.83
N GLN A 147 4.78 14.03 16.70
CA GLN A 147 3.60 14.63 17.30
C GLN A 147 3.68 16.14 17.13
N TRP A 148 2.51 16.77 17.14
CA TRP A 148 2.38 18.20 16.93
C TRP A 148 1.99 18.90 18.21
N LYS A 149 2.58 20.08 18.43
CA LYS A 149 2.16 20.95 19.54
C LYS A 149 1.87 22.35 19.03
N VAL A 150 0.79 22.93 19.54
CA VAL A 150 0.37 24.29 19.22
C VAL A 150 0.28 25.04 20.54
N ASP A 151 1.11 26.08 20.70
CA ASP A 151 1.23 26.78 21.98
C ASP A 151 1.42 25.78 23.13
N ASN A 152 2.27 24.78 22.89
CA ASN A 152 2.69 23.74 23.83
C ASN A 152 1.64 22.69 24.10
N ALA A 153 0.49 22.74 23.42
CA ALA A 153 -0.57 21.76 23.63
C ALA A 153 -0.45 20.67 22.57
N LEU A 154 -0.34 19.42 23.01
CA LEU A 154 -0.33 18.29 22.09
C LEU A 154 -1.61 18.23 21.27
N GLN A 155 -1.47 18.04 19.96
CA GLN A 155 -2.59 17.92 19.06
C GLN A 155 -2.99 16.46 18.86
N SER A 156 -4.27 16.24 18.63
CA SER A 156 -4.74 14.90 18.32
C SER A 156 -5.90 14.99 17.34
N GLY A 157 -5.88 14.11 16.34
CA GLY A 157 -6.99 13.96 15.43
C GLY A 157 -6.94 14.87 14.22
N ASN A 158 -5.99 15.80 14.16
CA ASN A 158 -5.93 16.79 13.07
C ASN A 158 -4.62 16.69 12.30
N SER A 159 -3.99 15.51 12.29
CA SER A 159 -2.78 15.31 11.50
C SER A 159 -2.90 14.02 10.71
N GLN A 160 -2.17 13.98 9.60
CA GLN A 160 -2.06 12.76 8.78
C GLN A 160 -0.63 12.64 8.29
N GLU A 161 -0.16 11.41 8.15
CA GLU A 161 1.20 11.19 7.68
C GLU A 161 1.22 10.08 6.66
N SER A 162 2.29 10.06 5.87
CA SER A 162 2.54 8.90 5.02
C SER A 162 4.04 8.77 4.87
N VAL A 163 4.46 7.60 4.37
N VAL A 163 4.45 7.59 4.40
CA VAL A 163 5.85 7.16 4.39
CA VAL A 163 5.86 7.20 4.35
C VAL A 163 6.21 6.59 3.02
C VAL A 163 6.18 6.67 2.97
N THR A 164 7.43 6.89 2.57
CA THR A 164 7.91 6.34 1.31
C THR A 164 8.30 4.88 1.48
N GLU A 165 8.45 4.21 0.35
CA GLU A 165 9.06 2.90 0.34
C GLU A 165 10.55 3.03 0.61
N GLN A 166 11.16 1.93 1.03
CA GLN A 166 12.59 1.94 1.31
C GLN A 166 13.39 2.34 0.07
N ASP A 167 14.33 3.27 0.25
CA ASP A 167 15.11 3.76 -0.89
C ASP A 167 16.01 2.67 -1.46
N SER A 168 16.08 2.63 -2.80
CA SER A 168 16.79 1.56 -3.48
C SER A 168 18.30 1.66 -3.35
N LYS A 169 18.83 2.84 -3.02
CA LYS A 169 20.28 3.00 -2.88
C LYS A 169 20.72 3.04 -1.41
N ASP A 170 20.14 3.93 -0.60
CA ASP A 170 20.61 4.11 0.77
C ASP A 170 19.74 3.40 1.80
N SER A 171 18.68 2.72 1.38
CA SER A 171 17.86 1.84 2.21
C SER A 171 17.14 2.58 3.35
N THR A 172 16.91 3.89 3.20
CA THR A 172 16.23 4.67 4.22
C THR A 172 14.77 4.90 3.85
N TYR A 173 14.04 5.45 4.82
CA TYR A 173 12.65 5.85 4.70
C TYR A 173 12.54 7.34 4.93
N SER A 174 11.45 7.92 4.41
CA SER A 174 11.12 9.30 4.73
C SER A 174 9.63 9.35 5.04
N LEU A 175 9.25 10.34 5.86
CA LEU A 175 7.89 10.48 6.35
C LEU A 175 7.54 11.96 6.36
N SER A 176 6.31 12.27 5.92
N SER A 176 6.30 12.26 5.95
CA SER A 176 5.81 13.63 6.03
CA SER A 176 5.81 13.62 6.01
C SER A 176 4.52 13.62 6.81
C SER A 176 4.50 13.66 6.77
N SER A 177 4.36 14.61 7.68
CA SER A 177 3.16 14.77 8.48
C SER A 177 2.57 16.15 8.21
N THR A 178 1.24 16.23 8.08
CA THR A 178 0.57 17.49 7.87
C THR A 178 -0.41 17.74 8.99
N LEU A 179 -0.30 18.91 9.63
CA LEU A 179 -1.26 19.39 10.61
C LEU A 179 -2.24 20.32 9.91
N THR A 180 -3.53 19.95 9.92
CA THR A 180 -4.58 20.73 9.26
C THR A 180 -5.30 21.58 10.30
N LEU A 181 -5.24 22.89 10.12
CA LEU A 181 -5.92 23.85 10.98
C LEU A 181 -6.84 24.73 10.15
N SER A 182 -7.89 25.23 10.78
CA SER A 182 -8.58 26.35 10.18
C SER A 182 -7.66 27.56 10.19
N LYS A 183 -7.87 28.46 9.22
CA LYS A 183 -7.06 29.67 9.20
C LYS A 183 -7.23 30.48 10.48
N ALA A 184 -8.46 30.55 11.00
CA ALA A 184 -8.70 31.25 12.27
C ALA A 184 -7.91 30.63 13.42
N ASP A 185 -7.91 29.29 13.52
CA ASP A 185 -7.13 28.64 14.56
C ASP A 185 -5.64 28.88 14.39
N TYR A 186 -5.16 28.88 13.13
CA TYR A 186 -3.75 29.14 12.91
C TYR A 186 -3.36 30.53 13.39
N GLU A 187 -4.21 31.53 13.12
CA GLU A 187 -3.95 32.89 13.53
C GLU A 187 -4.21 33.13 15.02
N LYS A 188 -4.86 32.18 15.68
CA LYS A 188 -5.15 32.30 17.10
C LYS A 188 -3.95 31.97 17.97
N HIS A 189 -2.98 31.23 17.44
CA HIS A 189 -1.89 30.70 18.23
C HIS A 189 -0.55 31.11 17.61
N LYS A 190 0.52 30.96 18.40
CA LYS A 190 1.83 31.50 18.04
C LYS A 190 2.88 30.46 17.73
N VAL A 191 3.07 29.48 18.62
CA VAL A 191 4.20 28.54 18.53
C VAL A 191 3.73 27.22 17.92
N TYR A 192 4.38 26.83 16.82
CA TYR A 192 4.03 25.60 16.10
C TYR A 192 5.26 24.69 16.14
N ALA A 193 5.09 23.46 16.63
CA ALA A 193 6.23 22.57 16.80
C ALA A 193 5.88 21.14 16.41
N CYS A 194 6.85 20.45 15.83
CA CYS A 194 6.73 18.99 15.71
C CYS A 194 7.87 18.34 16.49
N GLU A 195 7.52 17.32 17.24
CA GLU A 195 8.45 16.59 18.10
C GLU A 195 8.63 15.22 17.48
N VAL A 196 9.89 14.84 17.22
CA VAL A 196 10.22 13.63 16.47
C VAL A 196 10.99 12.66 17.37
N THR A 197 10.56 11.39 17.38
CA THR A 197 11.27 10.32 18.08
C THR A 197 11.76 9.28 17.09
N HIS A 198 12.93 8.72 17.39
CA HIS A 198 13.53 7.67 16.58
C HIS A 198 14.75 7.16 17.32
N GLN A 199 15.01 5.85 17.20
CA GLN A 199 16.07 5.24 17.99
C GLN A 199 17.46 5.76 17.64
N GLY A 200 17.62 6.39 16.47
CA GLY A 200 18.90 6.95 16.07
C GLY A 200 19.20 8.32 16.63
N LEU A 201 18.22 8.97 17.24
CA LEU A 201 18.44 10.26 17.84
C LEU A 201 19.02 10.11 19.25
N SER A 202 20.04 10.93 19.58
CA SER A 202 20.53 10.91 20.96
C SER A 202 19.49 11.46 21.93
N SER A 203 18.59 12.29 21.44
CA SER A 203 17.46 12.82 22.17
C SER A 203 16.42 13.21 21.13
N PRO A 204 15.14 13.23 21.48
CA PRO A 204 14.12 13.60 20.49
C PRO A 204 14.36 15.02 19.97
N VAL A 205 13.88 15.25 18.75
CA VAL A 205 14.11 16.50 18.04
C VAL A 205 12.81 17.30 17.99
N THR A 206 12.89 18.58 18.36
CA THR A 206 11.80 19.50 18.13
C THR A 206 12.21 20.51 17.07
N LYS A 207 11.37 20.68 16.05
CA LYS A 207 11.47 21.79 15.12
C LYS A 207 10.26 22.67 15.31
N SER A 208 10.47 23.99 15.35
CA SER A 208 9.37 24.88 15.67
C SER A 208 9.56 26.21 14.95
N PHE A 209 8.47 26.97 14.88
CA PHE A 209 8.49 28.35 14.41
C PHE A 209 7.43 29.14 15.16
N ASN A 210 7.61 30.45 15.22
CA ASN A 210 6.60 31.35 15.75
C ASN A 210 5.90 32.01 14.56
N ARG A 211 4.57 31.89 14.53
CA ARG A 211 3.80 32.53 13.46
C ARG A 211 4.09 34.03 13.42
N GLY A 212 4.42 34.51 12.23
CA GLY A 212 4.64 35.93 12.02
C GLY A 212 6.01 36.43 12.39
N GLU A 213 6.99 35.55 12.55
CA GLU A 213 8.35 35.96 12.84
C GLU A 213 9.32 35.36 11.84
N GLU B 1 -1.85 -19.84 -22.90
CA GLU B 1 -1.50 -19.45 -21.54
C GLU B 1 -2.74 -19.12 -20.72
N VAL B 2 -2.79 -19.61 -19.48
CA VAL B 2 -3.90 -19.32 -18.58
C VAL B 2 -3.86 -17.84 -18.18
N GLN B 3 -5.00 -17.17 -18.28
CA GLN B 3 -5.04 -15.76 -17.92
C GLN B 3 -6.42 -15.38 -17.40
N LEU B 4 -6.45 -14.42 -16.49
CA LEU B 4 -7.66 -13.81 -15.97
C LEU B 4 -7.58 -12.31 -16.18
N VAL B 5 -8.71 -11.67 -16.49
N VAL B 5 -8.71 -11.67 -16.49
CA VAL B 5 -8.78 -10.24 -16.65
CA VAL B 5 -8.78 -10.23 -16.67
C VAL B 5 -10.03 -9.72 -15.94
C VAL B 5 -10.02 -9.71 -15.96
N GLU B 6 -9.82 -8.81 -14.99
CA GLU B 6 -10.93 -8.15 -14.30
C GLU B 6 -11.34 -6.89 -15.05
N SER B 7 -12.63 -6.60 -15.00
CA SER B 7 -13.13 -5.33 -15.50
C SER B 7 -14.34 -4.92 -14.66
N GLY B 8 -14.81 -3.69 -14.90
CA GLY B 8 -16.04 -3.23 -14.29
C GLY B 8 -15.86 -2.36 -13.07
N GLY B 9 -14.62 -2.09 -12.67
CA GLY B 9 -14.38 -1.17 -11.59
C GLY B 9 -14.77 0.25 -11.94
N GLY B 10 -14.72 1.10 -10.93
CA GLY B 10 -14.95 2.51 -11.15
C GLY B 10 -15.20 3.22 -9.85
N LEU B 11 -15.53 4.51 -10.00
CA LEU B 11 -15.92 5.39 -8.92
C LEU B 11 -17.43 5.36 -8.77
N VAL B 12 -17.89 5.18 -7.53
N VAL B 12 -17.92 5.13 -7.56
CA VAL B 12 -19.29 4.93 -7.20
CA VAL B 12 -19.36 5.16 -7.30
C VAL B 12 -19.60 5.61 -5.88
C VAL B 12 -19.61 5.88 -5.98
N LYS B 13 -20.84 6.16 -5.75
CA LYS B 13 -21.29 6.78 -4.51
C LYS B 13 -21.66 5.72 -3.48
N PRO B 14 -21.56 6.07 -2.18
CA PRO B 14 -22.03 5.15 -1.14
C PRO B 14 -23.47 4.78 -1.40
N GLY B 15 -23.79 3.51 -1.18
CA GLY B 15 -25.08 2.99 -1.52
C GLY B 15 -25.22 2.55 -2.95
N GLY B 16 -24.22 2.83 -3.79
CA GLY B 16 -24.28 2.53 -5.21
C GLY B 16 -23.93 1.08 -5.52
N SER B 17 -23.85 0.80 -6.84
CA SER B 17 -23.70 -0.54 -7.35
C SER B 17 -22.69 -0.58 -8.49
N LEU B 18 -21.93 -1.69 -8.57
CA LEU B 18 -21.05 -2.01 -9.69
C LEU B 18 -21.20 -3.49 -9.97
N ARG B 19 -20.85 -3.90 -11.19
CA ARG B 19 -20.70 -5.33 -11.49
C ARG B 19 -19.32 -5.55 -12.09
N LEU B 20 -18.49 -6.29 -11.38
CA LEU B 20 -17.19 -6.70 -11.87
C LEU B 20 -17.30 -7.96 -12.69
N SER B 21 -16.40 -8.10 -13.66
CA SER B 21 -16.29 -9.31 -14.48
C SER B 21 -14.88 -9.85 -14.39
N CYS B 22 -14.77 -11.18 -14.39
CA CYS B 22 -13.48 -11.86 -14.43
C CYS B 22 -13.55 -12.82 -15.61
N ALA B 23 -12.89 -12.47 -16.71
CA ALA B 23 -12.91 -13.26 -17.93
C ALA B 23 -11.70 -14.17 -17.97
N ALA B 24 -11.93 -15.48 -18.06
CA ALA B 24 -10.85 -16.45 -18.14
C ALA B 24 -10.52 -16.75 -19.60
N SER B 25 -9.24 -17.02 -19.85
N SER B 25 -9.23 -16.99 -19.85
CA SER B 25 -8.79 -17.45 -21.16
CA SER B 25 -8.73 -17.42 -21.15
C SER B 25 -7.72 -18.53 -20.99
C SER B 25 -7.76 -18.57 -20.95
N GLY B 26 -7.66 -19.43 -21.96
CA GLY B 26 -6.78 -20.57 -21.88
C GLY B 26 -7.25 -21.67 -20.95
N PHE B 27 -8.42 -21.51 -20.35
CA PHE B 27 -9.06 -22.56 -19.56
C PHE B 27 -10.51 -22.17 -19.35
N THR B 28 -11.28 -23.12 -18.85
CA THR B 28 -12.66 -22.87 -18.44
C THR B 28 -12.80 -23.20 -16.97
N PHE B 29 -13.98 -22.91 -16.43
CA PHE B 29 -14.27 -23.17 -15.03
C PHE B 29 -14.93 -24.53 -14.82
N THR B 30 -14.78 -25.46 -15.75
CA THR B 30 -15.39 -26.77 -15.57
C THR B 30 -14.77 -27.49 -14.38
N ASN B 31 -13.46 -27.34 -14.16
CA ASN B 31 -12.79 -28.01 -13.05
C ASN B 31 -11.93 -27.07 -12.23
N ALA B 32 -12.24 -25.78 -12.23
CA ALA B 32 -11.45 -24.77 -11.52
C ALA B 32 -12.39 -23.86 -10.73
N TRP B 33 -11.99 -23.56 -9.50
CA TRP B 33 -12.68 -22.58 -8.67
C TRP B 33 -12.25 -21.17 -9.08
N LEU B 34 -12.94 -20.17 -8.53
CA LEU B 34 -12.58 -18.78 -8.80
C LEU B 34 -12.79 -17.99 -7.52
N ASP B 35 -11.73 -17.33 -7.05
CA ASP B 35 -11.80 -16.49 -5.86
C ASP B 35 -11.73 -15.02 -6.25
N TRP B 36 -12.47 -14.20 -5.51
CA TRP B 36 -12.26 -12.75 -5.51
C TRP B 36 -11.52 -12.36 -4.24
N VAL B 37 -10.49 -11.52 -4.39
CA VAL B 37 -9.64 -11.06 -3.31
C VAL B 37 -9.47 -9.55 -3.49
N ARG B 38 -9.58 -8.79 -2.39
CA ARG B 38 -9.42 -7.36 -2.51
C ARG B 38 -8.32 -6.84 -1.58
N GLN B 39 -7.85 -5.62 -1.89
CA GLN B 39 -6.78 -5.00 -1.12
C GLN B 39 -7.07 -3.51 -1.07
N ALA B 40 -7.47 -3.03 0.10
CA ALA B 40 -7.69 -1.61 0.34
C ALA B 40 -6.36 -0.87 0.32
N PRO B 41 -6.38 0.44 0.03
CA PRO B 41 -5.12 1.19 -0.09
C PRO B 41 -4.25 1.08 1.14
N GLY B 42 -3.02 0.63 0.95
CA GLY B 42 -2.07 0.48 2.04
C GLY B 42 -2.35 -0.65 3.01
N LYS B 43 -3.26 -1.55 2.68
CA LYS B 43 -3.72 -2.59 3.60
C LYS B 43 -3.36 -3.97 3.06
N GLY B 44 -3.72 -5.00 3.83
CA GLY B 44 -3.45 -6.38 3.46
C GLY B 44 -4.49 -6.95 2.53
N LEU B 45 -4.37 -8.25 2.28
CA LEU B 45 -5.30 -8.97 1.42
C LEU B 45 -6.53 -9.43 2.17
N GLU B 46 -7.69 -9.38 1.51
CA GLU B 46 -8.93 -9.86 2.12
C GLU B 46 -9.73 -10.65 1.09
N TRP B 47 -10.00 -11.92 1.40
CA TRP B 47 -10.83 -12.75 0.54
C TRP B 47 -12.26 -12.25 0.54
N VAL B 48 -12.86 -12.18 -0.65
CA VAL B 48 -14.23 -11.68 -0.81
C VAL B 48 -15.23 -12.81 -1.04
N GLY B 49 -14.89 -13.78 -1.88
CA GLY B 49 -15.81 -14.88 -2.14
C GLY B 49 -15.20 -15.84 -3.12
N ARG B 50 -15.87 -17.01 -3.24
CA ARG B 50 -15.46 -18.08 -4.13
C ARG B 50 -16.68 -18.65 -4.85
N ILE B 51 -16.51 -19.01 -6.12
CA ILE B 51 -17.45 -19.88 -6.83
C ILE B 51 -16.72 -21.16 -7.24
N LYS B 52 -17.34 -22.30 -6.97
CA LYS B 52 -16.74 -23.58 -7.27
C LYS B 52 -16.86 -23.92 -8.75
N SER B 53 -16.08 -24.92 -9.17
CA SER B 53 -16.10 -25.37 -10.55
C SER B 53 -17.51 -25.84 -10.96
N LYS B 54 -17.72 -25.97 -12.27
CA LYS B 54 -18.98 -26.49 -12.78
C LYS B 54 -19.19 -27.94 -12.36
N THR B 55 -18.10 -28.71 -12.32
CA THR B 55 -18.17 -30.10 -11.87
C THR B 55 -18.71 -30.16 -10.44
N ASP B 56 -18.31 -29.23 -9.58
CA ASP B 56 -18.84 -29.17 -8.22
C ASP B 56 -20.14 -28.38 -8.12
N GLY B 57 -20.76 -28.05 -9.25
CA GLY B 57 -22.05 -27.40 -9.23
C GLY B 57 -22.05 -25.90 -9.07
N GLY B 58 -20.89 -25.25 -9.14
CA GLY B 58 -20.85 -23.80 -9.08
C GLY B 58 -21.38 -23.18 -7.80
N THR B 59 -21.14 -23.84 -6.67
CA THR B 59 -21.57 -23.31 -5.38
C THR B 59 -20.78 -22.06 -5.04
N THR B 60 -21.43 -21.09 -4.39
CA THR B 60 -20.78 -19.84 -4.03
C THR B 60 -20.72 -19.65 -2.52
N ASP B 61 -19.72 -18.89 -2.08
CA ASP B 61 -19.53 -18.53 -0.68
C ASP B 61 -18.96 -17.12 -0.65
N HIS B 62 -19.39 -16.31 0.32
CA HIS B 62 -18.99 -14.90 0.38
C HIS B 62 -18.58 -14.54 1.80
N ALA B 63 -17.61 -13.63 1.89
CA ALA B 63 -17.09 -13.21 3.19
C ALA B 63 -18.16 -12.45 3.97
N ALA B 64 -18.10 -12.59 5.31
CA ALA B 64 -19.11 -11.95 6.15
C ALA B 64 -19.28 -10.45 5.91
N PRO B 65 -18.23 -9.64 5.72
CA PRO B 65 -18.46 -8.19 5.53
C PRO B 65 -19.22 -7.85 4.28
N VAL B 66 -19.36 -8.77 3.32
CA VAL B 66 -20.04 -8.46 2.07
C VAL B 66 -21.27 -9.32 1.86
N LYS B 67 -21.56 -10.27 2.75
CA LYS B 67 -22.72 -11.14 2.60
C LYS B 67 -23.99 -10.32 2.47
N GLY B 68 -24.83 -10.69 1.50
CA GLY B 68 -26.07 -9.99 1.24
C GLY B 68 -25.92 -8.78 0.34
N ARG B 69 -24.71 -8.24 0.22
CA ARG B 69 -24.46 -7.09 -0.63
C ARG B 69 -23.76 -7.45 -1.94
N PHE B 70 -22.81 -8.39 -1.89
CA PHE B 70 -22.08 -8.84 -3.07
C PHE B 70 -22.50 -10.26 -3.42
N THR B 71 -22.61 -10.55 -4.71
CA THR B 71 -23.08 -11.86 -5.16
C THR B 71 -22.26 -12.31 -6.35
N ILE B 72 -21.64 -13.49 -6.24
CA ILE B 72 -20.90 -14.07 -7.35
C ILE B 72 -21.83 -14.91 -8.21
N SER B 73 -21.64 -14.84 -9.52
CA SER B 73 -22.41 -15.66 -10.45
C SER B 73 -21.52 -15.94 -11.66
N ARG B 74 -21.99 -16.81 -12.54
CA ARG B 74 -21.21 -17.15 -13.71
C ARG B 74 -22.12 -17.29 -14.92
N ASP B 75 -21.63 -16.79 -16.07
CA ASP B 75 -22.20 -17.07 -17.38
C ASP B 75 -21.27 -18.07 -18.04
N ASP B 76 -21.66 -19.34 -18.03
CA ASP B 76 -20.77 -20.40 -18.54
C ASP B 76 -20.45 -20.18 -20.02
N SER B 77 -21.42 -19.67 -20.79
CA SER B 77 -21.22 -19.44 -22.21
C SER B 77 -20.15 -18.38 -22.50
N LYS B 78 -19.73 -17.61 -21.49
CA LYS B 78 -18.73 -16.56 -21.68
C LYS B 78 -17.42 -16.84 -20.96
N ASN B 79 -17.33 -17.95 -20.21
CA ASN B 79 -16.17 -18.23 -19.36
C ASN B 79 -15.82 -17.02 -18.49
N THR B 80 -16.86 -16.44 -17.90
CA THR B 80 -16.73 -15.22 -17.11
C THR B 80 -17.47 -15.36 -15.79
N VAL B 81 -16.85 -14.90 -14.72
CA VAL B 81 -17.46 -14.85 -13.39
C VAL B 81 -17.74 -13.40 -13.06
N TYR B 82 -18.93 -13.14 -12.51
CA TYR B 82 -19.32 -11.80 -12.13
C TYR B 82 -19.31 -11.62 -10.62
N LEU B 83 -19.07 -10.39 -10.17
CA LEU B 83 -19.27 -9.99 -8.78
C LEU B 83 -20.23 -8.80 -8.81
N GLN B 84 -21.48 -9.04 -8.47
CA GLN B 84 -22.47 -7.97 -8.40
C GLN B 84 -22.35 -7.30 -7.05
N MET B 85 -22.03 -6.01 -7.03
CA MET B 85 -21.77 -5.30 -5.79
C MET B 85 -22.85 -4.25 -5.57
N ASN B 86 -23.67 -4.45 -4.54
CA ASN B 86 -24.71 -3.49 -4.17
C ASN B 86 -24.41 -2.89 -2.79
N SER B 87 -25.13 -1.81 -2.49
CA SER B 87 -25.05 -1.15 -1.18
C SER B 87 -23.59 -0.88 -0.81
N LEU B 88 -22.85 -0.35 -1.78
CA LEU B 88 -21.42 -0.16 -1.59
C LEU B 88 -21.12 0.83 -0.47
N LYS B 89 -20.02 0.55 0.25
CA LYS B 89 -19.59 1.33 1.40
C LYS B 89 -18.21 1.89 1.14
N ILE B 90 -17.90 3.02 1.78
N ILE B 90 -17.86 3.00 1.81
CA ILE B 90 -16.56 3.61 1.68
CA ILE B 90 -16.54 3.58 1.56
C ILE B 90 -15.50 2.54 1.86
C ILE B 90 -15.42 2.60 1.92
N GLU B 91 -15.65 1.69 2.88
CA GLU B 91 -14.62 0.72 3.21
C GLU B 91 -14.54 -0.43 2.21
N ASP B 92 -15.39 -0.45 1.18
CA ASP B 92 -15.25 -1.39 0.08
C ASP B 92 -14.25 -0.91 -0.96
N THR B 93 -13.71 0.30 -0.77
CA THR B 93 -12.71 0.84 -1.68
C THR B 93 -11.47 -0.04 -1.67
N ALA B 94 -11.07 -0.53 -2.84
CA ALA B 94 -9.97 -1.47 -2.90
C ALA B 94 -9.66 -1.78 -4.36
N VAL B 95 -8.50 -2.40 -4.59
CA VAL B 95 -8.28 -3.12 -5.83
C VAL B 95 -8.87 -4.50 -5.68
N TYR B 96 -9.68 -4.94 -6.66
CA TYR B 96 -10.31 -6.25 -6.65
C TYR B 96 -9.64 -7.14 -7.67
N TYR B 97 -9.14 -8.29 -7.22
CA TYR B 97 -8.51 -9.30 -8.07
C TYR B 97 -9.39 -10.54 -8.14
N CYS B 98 -9.34 -11.23 -9.28
CA CYS B 98 -9.79 -12.61 -9.28
C CYS B 98 -8.58 -13.53 -9.45
N THR B 99 -8.70 -14.73 -8.92
CA THR B 99 -7.58 -15.66 -8.91
C THR B 99 -8.07 -17.10 -8.82
N THR B 100 -7.29 -18.01 -9.38
CA THR B 100 -7.63 -19.41 -9.27
C THR B 100 -6.34 -20.24 -9.30
N GLY B 101 -6.50 -21.54 -9.07
CA GLY B 101 -5.39 -22.47 -9.15
C GLY B 101 -5.46 -23.26 -10.44
N VAL B 102 -4.31 -23.61 -10.97
CA VAL B 102 -4.22 -24.38 -12.20
C VAL B 102 -3.44 -25.65 -11.88
N GLU B 103 -4.11 -26.80 -11.96
CA GLU B 103 -3.49 -28.10 -11.78
C GLU B 103 -3.14 -28.70 -13.14
N THR B 104 -1.97 -29.34 -13.23
CA THR B 104 -1.66 -30.12 -14.41
C THR B 104 -1.02 -31.44 -13.98
N TYR B 105 -1.35 -32.50 -14.71
CA TYR B 105 -0.89 -33.84 -14.41
C TYR B 105 -0.01 -34.34 -15.56
N ASP B 106 1.17 -34.84 -15.22
CA ASP B 106 2.06 -35.50 -16.17
C ASP B 106 2.03 -36.99 -15.84
N PHE B 107 1.21 -37.74 -16.57
CA PHE B 107 1.00 -39.14 -16.25
C PHE B 107 2.20 -39.98 -16.68
N TRP B 108 2.53 -40.97 -15.84
CA TRP B 108 3.68 -41.83 -16.10
C TRP B 108 3.33 -42.83 -17.19
N SER B 109 4.19 -42.93 -18.21
CA SER B 109 3.99 -43.93 -19.25
C SER B 109 4.22 -45.33 -18.67
N GLY B 110 3.34 -46.26 -19.02
CA GLY B 110 3.45 -47.63 -18.58
C GLY B 110 2.77 -47.94 -17.26
N TYR B 111 2.45 -46.91 -16.47
CA TYR B 111 1.67 -47.07 -15.25
C TYR B 111 0.22 -46.67 -15.53
N ASP B 112 -0.63 -46.78 -14.52
CA ASP B 112 -2.03 -46.39 -14.64
C ASP B 112 -2.21 -44.94 -14.18
N ASP B 113 -3.46 -44.49 -14.09
CA ASP B 113 -3.75 -43.09 -13.81
C ASP B 113 -3.41 -42.67 -12.38
N HIS B 114 -3.00 -43.58 -11.52
CA HIS B 114 -2.67 -43.21 -10.15
C HIS B 114 -1.23 -42.71 -10.06
N TYS B 115 -0.49 -42.89 -11.15
CA TYS B 115 0.90 -42.46 -11.20
CB TYS B 115 1.78 -43.60 -11.71
CG TYS B 115 1.73 -44.74 -10.72
CD1 TYS B 115 2.73 -44.84 -9.76
CD2 TYS B 115 0.71 -45.68 -10.77
CE1 TYS B 115 2.70 -45.90 -8.85
CE2 TYS B 115 0.68 -46.73 -9.86
CZ TYS B 115 1.68 -46.84 -8.89
OH TYS B 115 1.66 -47.88 -8.00
S TYS B 115 2.26 -49.22 -8.41
O1 TYS B 115 2.00 -50.21 -7.40
O2 TYS B 115 1.65 -49.65 -9.65
O3 TYS B 115 3.89 -49.07 -8.59
C TYS B 115 1.06 -41.25 -12.08
O TYS B 115 0.81 -41.33 -13.30
N TYR B 116 1.47 -40.14 -11.49
CA TYR B 116 1.68 -38.91 -12.24
C TYR B 116 2.54 -37.96 -11.43
N ASP B 117 3.16 -37.01 -12.12
CA ASP B 117 3.75 -35.86 -11.45
C ASP B 117 2.72 -34.75 -11.46
N TYR B 118 2.56 -34.09 -10.32
CA TYR B 118 1.53 -33.09 -10.13
C TYR B 118 2.16 -31.70 -10.12
N TYR B 119 1.56 -30.78 -10.86
CA TYR B 119 2.03 -29.41 -10.92
C TYR B 119 0.89 -28.48 -10.52
N PHE B 120 1.22 -27.46 -9.74
CA PHE B 120 0.20 -26.53 -9.29
C PHE B 120 0.75 -25.12 -9.29
N LYS B 121 -0.01 -24.19 -9.85
N LYS B 121 -0.03 -24.22 -9.87
CA LYS B 121 0.36 -22.79 -9.75
CA LYS B 121 0.26 -22.81 -10.00
C LYS B 121 -0.88 -21.92 -9.87
C LYS B 121 -0.95 -22.02 -9.51
N ASP B 122 -0.77 -20.72 -9.33
CA ASP B 122 -1.88 -19.80 -9.25
C ASP B 122 -1.87 -18.90 -10.49
N VAL B 123 -3.01 -18.28 -10.75
CA VAL B 123 -3.11 -17.23 -11.76
C VAL B 123 -3.95 -16.11 -11.16
N TRP B 124 -3.52 -14.88 -11.40
CA TRP B 124 -4.22 -13.69 -10.93
C TRP B 124 -4.42 -12.76 -12.11
N GLY B 125 -5.52 -12.02 -12.09
CA GLY B 125 -5.64 -10.88 -12.96
C GLY B 125 -4.79 -9.72 -12.47
N LYS B 126 -4.78 -8.64 -13.27
CA LYS B 126 -4.08 -7.42 -12.87
C LYS B 126 -4.87 -6.59 -11.86
N GLY B 127 -6.16 -6.86 -11.69
CA GLY B 127 -6.99 -6.15 -10.76
C GLY B 127 -7.82 -5.07 -11.44
N THR B 128 -8.91 -4.69 -10.75
CA THR B 128 -9.73 -3.55 -11.13
C THR B 128 -10.00 -2.72 -9.88
N THR B 129 -9.97 -1.40 -10.02
CA THR B 129 -10.06 -0.52 -8.86
C THR B 129 -11.50 -0.07 -8.63
N VAL B 130 -11.97 -0.23 -7.39
CA VAL B 130 -13.27 0.26 -6.95
C VAL B 130 -13.03 1.36 -5.92
N THR B 131 -13.62 2.54 -6.17
CA THR B 131 -13.52 3.66 -5.24
C THR B 131 -14.95 4.07 -4.89
N VAL B 132 -15.27 4.05 -3.59
CA VAL B 132 -16.59 4.42 -3.10
C VAL B 132 -16.45 5.70 -2.31
N SER B 133 -17.08 6.77 -2.79
CA SER B 133 -16.88 8.08 -2.19
C SER B 133 -18.04 9.00 -2.56
N SER B 134 -18.33 9.92 -1.65
CA SER B 134 -19.30 10.99 -1.86
C SER B 134 -18.70 12.22 -2.52
N ALA B 135 -17.38 12.28 -2.65
CA ALA B 135 -16.72 13.51 -3.10
C ALA B 135 -16.96 13.78 -4.58
N SER B 136 -16.92 15.05 -4.95
N SER B 136 -16.89 15.06 -4.94
CA SER B 136 -17.00 15.41 -6.37
CA SER B 136 -16.98 15.53 -6.31
C SER B 136 -15.63 15.81 -6.87
C SER B 136 -15.58 15.78 -6.86
N THR B 137 -15.48 15.72 -8.19
CA THR B 137 -14.21 16.03 -8.85
C THR B 137 -13.76 17.45 -8.51
N LYS B 138 -12.50 17.57 -8.11
CA LYS B 138 -11.91 18.86 -7.75
C LYS B 138 -10.43 18.78 -8.04
N GLY B 139 -9.88 19.81 -8.68
CA GLY B 139 -8.45 19.88 -8.89
C GLY B 139 -7.74 20.39 -7.65
N PRO B 140 -6.45 20.06 -7.49
CA PRO B 140 -5.72 20.47 -6.29
C PRO B 140 -5.32 21.94 -6.33
N SER B 141 -5.07 22.46 -5.13
CA SER B 141 -4.22 23.63 -4.99
C SER B 141 -2.79 23.15 -4.82
N VAL B 142 -1.85 23.92 -5.35
CA VAL B 142 -0.44 23.55 -5.27
C VAL B 142 0.25 24.62 -4.44
N PHE B 143 0.61 24.26 -3.21
CA PHE B 143 1.19 25.25 -2.32
C PHE B 143 2.67 24.98 -2.14
N PRO B 144 3.51 26.02 -2.13
CA PRO B 144 4.94 25.81 -1.92
C PRO B 144 5.28 25.54 -0.46
N LEU B 145 6.27 24.66 -0.27
CA LEU B 145 6.92 24.43 1.02
C LEU B 145 8.31 25.05 0.90
N ALA B 146 8.45 26.29 1.39
CA ALA B 146 9.61 27.12 1.05
C ALA B 146 10.82 26.76 1.89
N PRO B 147 12.01 26.73 1.29
CA PRO B 147 13.25 26.48 2.04
C PRO B 147 13.78 27.74 2.70
N SER B 148 14.93 27.57 3.37
CA SER B 148 15.63 28.65 4.05
C SER B 148 17.05 28.19 4.32
N SER B 149 18.02 29.09 4.12
CA SER B 149 19.41 28.79 4.46
C SER B 149 19.63 28.73 5.97
N LYS B 150 18.68 29.22 6.76
CA LYS B 150 18.73 29.18 8.21
C LYS B 150 18.01 27.96 8.77
N SER B 151 17.38 27.16 7.91
CA SER B 151 16.67 25.94 8.29
C SER B 151 17.36 24.77 7.60
N THR B 152 18.52 24.37 8.14
CA THR B 152 19.28 23.23 7.65
C THR B 152 19.25 22.12 8.67
N SER B 153 19.22 20.88 8.17
CA SER B 153 19.16 19.70 9.03
C SER B 153 19.83 18.51 8.35
N THR B 156 21.56 19.98 4.81
CA THR B 156 20.93 20.51 3.61
C THR B 156 19.73 21.38 3.94
N ALA B 157 19.15 22.03 2.92
CA ALA B 157 17.83 22.64 3.03
C ALA B 157 16.79 21.70 2.44
N ALA B 158 15.52 21.95 2.74
CA ALA B 158 14.45 21.16 2.18
C ALA B 158 13.36 22.09 1.66
N LEU B 159 12.73 21.68 0.57
CA LEU B 159 11.61 22.43 0.00
C LEU B 159 10.62 21.43 -0.59
N GLY B 160 9.46 21.90 -1.01
CA GLY B 160 8.51 20.95 -1.55
C GLY B 160 7.28 21.62 -2.09
N CYS B 161 6.30 20.79 -2.44
CA CYS B 161 4.97 21.24 -2.82
C CYS B 161 3.94 20.39 -2.11
N LEU B 162 2.91 21.06 -1.58
CA LEU B 162 1.76 20.40 -0.98
C LEU B 162 0.63 20.48 -2.00
N VAL B 163 0.21 19.32 -2.49
CA VAL B 163 -0.79 19.20 -3.55
C VAL B 163 -2.07 18.82 -2.84
N LYS B 164 -2.88 19.82 -2.51
CA LYS B 164 -3.92 19.68 -1.49
C LYS B 164 -5.32 19.74 -2.09
N ASP B 165 -6.20 18.88 -1.56
CA ASP B 165 -7.64 18.93 -1.78
C ASP B 165 -8.05 18.58 -3.20
N TYR B 166 -7.74 17.36 -3.65
CA TYR B 166 -8.16 16.93 -4.97
C TYR B 166 -8.94 15.64 -4.89
N PHE B 167 -9.73 15.40 -5.95
CA PHE B 167 -10.49 14.17 -6.05
C PHE B 167 -10.86 13.97 -7.51
N PRO B 168 -10.78 12.74 -8.04
CA PRO B 168 -10.27 11.52 -7.44
C PRO B 168 -8.76 11.42 -7.65
N GLU B 169 -8.15 10.32 -7.20
N GLU B 169 -8.18 10.30 -7.23
CA GLU B 169 -6.78 10.03 -7.56
CA GLU B 169 -6.82 9.97 -7.60
C GLU B 169 -6.72 9.68 -9.05
C GLU B 169 -6.74 9.72 -9.10
N PRO B 170 -5.54 9.82 -9.68
CA PRO B 170 -4.23 10.21 -9.13
C PRO B 170 -3.83 11.63 -9.49
N VAL B 171 -2.79 12.12 -8.84
CA VAL B 171 -2.00 13.25 -9.33
C VAL B 171 -0.60 12.71 -9.61
N THR B 172 0.08 13.33 -10.57
CA THR B 172 1.50 13.10 -10.78
C THR B 172 2.27 14.36 -10.42
N VAL B 173 3.48 14.17 -9.90
CA VAL B 173 4.36 15.28 -9.53
C VAL B 173 5.75 14.97 -10.05
N SER B 174 6.35 15.93 -10.75
CA SER B 174 7.77 15.86 -11.09
C SER B 174 8.42 17.17 -10.63
N TRP B 175 9.74 17.23 -10.74
CA TRP B 175 10.51 18.42 -10.41
C TRP B 175 11.36 18.82 -11.61
N ASN B 176 11.33 20.11 -11.94
CA ASN B 176 12.07 20.66 -13.08
C ASN B 176 11.84 19.85 -14.35
N SER B 177 10.57 19.53 -14.60
CA SER B 177 10.14 18.79 -15.79
C SER B 177 10.80 17.42 -15.88
N GLY B 178 11.10 16.83 -14.74
CA GLY B 178 11.76 15.54 -14.70
C GLY B 178 13.27 15.58 -14.68
N ALA B 179 13.86 16.78 -14.80
CA ALA B 179 15.31 16.87 -14.79
C ALA B 179 15.89 16.67 -13.39
N LEU B 180 15.09 16.83 -12.34
CA LEU B 180 15.57 16.70 -10.96
C LEU B 180 14.88 15.51 -10.30
N THR B 181 15.67 14.48 -9.98
CA THR B 181 15.20 13.39 -9.14
C THR B 181 16.08 13.15 -7.92
N SER B 182 17.34 13.59 -7.91
N SER B 182 17.34 13.59 -7.93
CA SER B 182 18.18 13.48 -6.73
CA SER B 182 18.17 13.52 -6.73
C SER B 182 17.54 14.21 -5.55
C SER B 182 17.48 14.22 -5.56
N GLY B 183 17.40 13.52 -4.43
CA GLY B 183 16.85 14.10 -3.22
C GLY B 183 15.34 14.22 -3.18
N VAL B 184 14.63 13.75 -4.20
CA VAL B 184 13.18 13.91 -4.29
C VAL B 184 12.51 12.77 -3.55
N HIS B 185 11.52 13.11 -2.72
CA HIS B 185 10.62 12.11 -2.15
C HIS B 185 9.20 12.56 -2.41
N THR B 186 8.43 11.76 -3.13
CA THR B 186 7.02 12.03 -3.36
C THR B 186 6.23 11.01 -2.57
N PHE B 187 5.46 11.47 -1.63
CA PHE B 187 4.84 10.61 -0.64
C PHE B 187 3.53 10.05 -1.15
N PRO B 188 3.10 8.91 -0.60
CA PRO B 188 1.75 8.42 -0.90
C PRO B 188 0.72 9.48 -0.57
N ALA B 189 -0.33 9.52 -1.38
CA ALA B 189 -1.43 10.40 -1.07
C ALA B 189 -2.14 9.95 0.20
N VAL B 190 -2.74 10.89 0.90
N VAL B 190 -2.76 10.90 0.89
N VAL B 190 -2.71 10.90 0.93
CA VAL B 190 -3.54 10.61 2.09
CA VAL B 190 -3.55 10.64 2.09
CA VAL B 190 -3.56 10.61 2.07
C VAL B 190 -4.96 11.12 1.83
C VAL B 190 -4.96 11.15 1.87
C VAL B 190 -4.97 11.05 1.73
N LEU B 191 -5.94 10.38 2.33
CA LEU B 191 -7.34 10.72 2.17
C LEU B 191 -7.80 11.47 3.41
N GLN B 192 -8.15 12.73 3.23
CA GLN B 192 -8.51 13.58 4.35
C GLN B 192 -9.92 13.27 4.84
N SER B 193 -10.22 13.75 6.05
CA SER B 193 -11.55 13.58 6.62
C SER B 193 -12.64 14.17 5.72
N SER B 194 -12.29 15.15 4.89
CA SER B 194 -13.21 15.77 3.96
C SER B 194 -13.59 14.89 2.78
N GLY B 195 -12.86 13.80 2.54
CA GLY B 195 -13.05 13.02 1.33
C GLY B 195 -12.17 13.44 0.19
N LEU B 196 -11.41 14.51 0.34
CA LEU B 196 -10.43 14.94 -0.66
C LEU B 196 -9.06 14.39 -0.31
N TYR B 197 -8.25 14.18 -1.33
CA TYR B 197 -6.89 13.70 -1.18
C TYR B 197 -5.91 14.85 -1.08
N SER B 198 -4.73 14.53 -0.54
N SER B 198 -4.77 14.55 -0.47
CA SER B 198 -3.62 15.48 -0.44
CA SER B 198 -3.62 15.44 -0.49
C SER B 198 -2.33 14.68 -0.58
C SER B 198 -2.39 14.60 -0.79
N LEU B 199 -1.37 15.26 -1.30
CA LEU B 199 -0.10 14.60 -1.57
C LEU B 199 1.00 15.63 -1.36
N SER B 200 2.11 15.20 -0.77
CA SER B 200 3.27 16.07 -0.57
C SER B 200 4.45 15.52 -1.36
N SER B 201 5.23 16.42 -1.96
CA SER B 201 6.49 16.05 -2.60
C SER B 201 7.57 17.00 -2.12
N VAL B 202 8.73 16.46 -1.76
CA VAL B 202 9.79 17.26 -1.17
C VAL B 202 11.10 16.96 -1.88
N VAL B 203 12.06 17.86 -1.73
N VAL B 203 12.05 17.89 -1.74
CA VAL B 203 13.41 17.58 -2.21
CA VAL B 203 13.41 17.75 -2.25
C VAL B 203 14.39 18.32 -1.32
C VAL B 203 14.35 18.31 -1.19
N THR B 204 15.47 17.64 -0.96
CA THR B 204 16.54 18.21 -0.17
C THR B 204 17.62 18.73 -1.11
N VAL B 205 18.10 19.94 -0.83
CA VAL B 205 18.98 20.68 -1.74
C VAL B 205 20.03 21.40 -0.93
N PRO B 206 21.12 21.84 -1.57
CA PRO B 206 22.11 22.64 -0.84
C PRO B 206 21.54 23.99 -0.43
N SER B 207 21.80 24.37 0.82
CA SER B 207 21.24 25.63 1.30
C SER B 207 21.96 26.84 0.71
N SER B 208 23.21 26.67 0.28
CA SER B 208 24.03 27.80 -0.11
C SER B 208 23.87 28.18 -1.58
N SER B 209 22.96 27.53 -2.31
CA SER B 209 22.71 27.87 -3.70
C SER B 209 21.24 28.22 -3.94
N LEU B 210 20.48 28.46 -2.87
CA LEU B 210 19.07 28.77 -3.03
C LEU B 210 18.86 30.06 -3.80
N GLY B 211 19.81 30.98 -3.75
CA GLY B 211 19.71 32.21 -4.50
C GLY B 211 20.01 32.11 -5.98
N THR B 212 20.37 30.92 -6.49
CA THR B 212 20.66 30.77 -7.91
C THR B 212 20.08 29.51 -8.56
N GLN B 213 19.55 28.55 -7.80
CA GLN B 213 18.99 27.34 -8.36
C GLN B 213 17.46 27.43 -8.39
N THR B 214 16.87 26.89 -9.45
CA THR B 214 15.42 26.94 -9.66
C THR B 214 14.82 25.58 -9.34
N TYR B 215 13.75 25.57 -8.56
CA TYR B 215 13.04 24.35 -8.23
C TYR B 215 11.56 24.57 -8.50
N ILE B 216 11.03 23.83 -9.46
CA ILE B 216 9.64 23.92 -9.88
C ILE B 216 9.02 22.54 -9.75
N CYS B 217 7.90 22.45 -9.05
CA CYS B 217 7.17 21.19 -9.03
C CYS B 217 6.08 21.21 -10.11
N ASN B 218 6.03 20.14 -10.90
CA ASN B 218 5.10 20.03 -12.02
C ASN B 218 3.99 19.07 -11.61
N VAL B 219 2.77 19.59 -11.48
CA VAL B 219 1.64 18.84 -10.94
C VAL B 219 0.61 18.63 -12.05
N ASN B 220 0.10 17.41 -12.19
CA ASN B 220 -0.92 17.15 -13.19
C ASN B 220 -2.04 16.36 -12.53
N HIS B 221 -3.26 16.89 -12.59
CA HIS B 221 -4.47 16.20 -12.12
C HIS B 221 -5.39 16.04 -13.33
N LYS B 222 -5.25 14.93 -14.04
CA LYS B 222 -5.99 14.76 -15.29
C LYS B 222 -7.51 14.81 -15.12
N PRO B 223 -8.12 14.25 -14.06
CA PRO B 223 -9.59 14.30 -13.98
C PRO B 223 -10.17 15.70 -14.02
N SER B 224 -9.47 16.70 -13.51
CA SER B 224 -9.95 18.07 -13.49
C SER B 224 -9.27 18.92 -14.55
N ASN B 225 -8.43 18.31 -15.39
CA ASN B 225 -7.60 19.03 -16.37
C ASN B 225 -6.72 20.08 -15.70
N THR B 226 -6.35 19.86 -14.45
CA THR B 226 -5.45 20.79 -13.76
C THR B 226 -4.00 20.45 -14.07
N LYS B 227 -3.28 21.42 -14.62
CA LYS B 227 -1.82 21.33 -14.75
C LYS B 227 -1.22 22.60 -14.17
N VAL B 228 -0.37 22.46 -13.16
CA VAL B 228 0.20 23.62 -12.47
C VAL B 228 1.68 23.37 -12.24
N ASP B 229 2.51 24.33 -12.67
CA ASP B 229 3.93 24.37 -12.32
C ASP B 229 4.09 25.42 -11.22
N LYS B 230 4.64 25.05 -10.08
CA LYS B 230 4.82 25.98 -8.97
C LYS B 230 6.31 26.13 -8.72
N ARG B 231 6.83 27.34 -8.97
CA ARG B 231 8.20 27.66 -8.59
C ARG B 231 8.26 27.86 -7.09
N VAL B 232 9.15 27.13 -6.41
CA VAL B 232 9.26 27.19 -4.96
C VAL B 232 10.45 28.07 -4.61
N GLU B 233 10.17 29.21 -4.01
CA GLU B 233 11.22 30.18 -3.72
C GLU B 233 11.46 30.28 -2.21
N PRO B 234 12.67 30.64 -1.79
CA PRO B 234 12.91 30.86 -0.36
C PRO B 234 12.09 32.03 0.16
N LYS B 235 11.80 32.02 1.45
CA LYS B 235 11.09 33.14 2.08
C LYS B 235 12.07 34.18 2.61
#